data_1PDZ
#
_entry.id   1PDZ
#
_cell.length_a   110.800
_cell.length_b   110.800
_cell.length_c   73.400
_cell.angle_alpha   90.00
_cell.angle_beta   90.00
_cell.angle_gamma   120.00
#
_symmetry.space_group_name_H-M   'P 31 2 1'
#
loop_
_entity.id
_entity.type
_entity.pdbx_description
1 polymer ENOLASE
2 non-polymer '2-PHOSPHOGLYCOLIC ACID'
3 non-polymer 'MANGANESE (II) ION'
4 water water
#
_entity_poly.entity_id   1
_entity_poly.type   'polypeptide(L)'
_entity_poly.pdbx_seq_one_letter_code
;(ACE)SITKVFARTIFDSRGNPTVEVDLYTSKGLFRAAVPSGASTGVHEALEMRDGDKSKYHGKSVFNAVKNVNDVIVPE
IIKSGLKVTQQKECDEFMCKLDGTENKSSLGANAILGVSLAICKAGAAELGIPLYRHIANLANYDEVILPVPAFNVINGG
SHAGNKLAMQEFMILPTGATSFTEAMRMGTEVYHHLKAVIKARFGLDATAVGDEGGFAPNILNNKDALDLIQEAIKKAGY
TGKIEIGMDVAASEFYKQNNIYDLDFKTANNDGSQKISGDQLRDMYMEFCKDFPIVSIEDPFDQDDWETWSKMTSGTTIQ
IVGDDLTVTNPKRITTAVEKKACKCLLLKVNQIGSVTESIDAHLLAKKNGWGTMVSHRSGETEDCFIADLVVGLCTGQIK
TGAPCRSERLAKYNQILRIEEELGSGAKFAGKNFRAPS
;
_entity_poly.pdbx_strand_id   A
#
# COMPACT_ATOMS: atom_id res chain seq x y z
N SER A 2 -28.30 12.53 -4.65
CA SER A 2 -28.39 12.73 -3.21
C SER A 2 -28.27 11.40 -2.43
N ILE A 3 -27.71 11.49 -1.23
CA ILE A 3 -27.50 10.34 -0.37
C ILE A 3 -28.80 10.11 0.41
N THR A 4 -29.43 8.95 0.23
CA THR A 4 -30.67 8.69 0.96
C THR A 4 -30.43 7.95 2.29
N LYS A 5 -29.28 7.32 2.41
CA LYS A 5 -28.97 6.58 3.63
C LYS A 5 -27.49 6.21 3.68
N VAL A 6 -26.91 6.22 4.88
CA VAL A 6 -25.51 5.83 5.10
C VAL A 6 -25.55 5.02 6.40
N PHE A 7 -25.07 3.79 6.37
CA PHE A 7 -25.11 2.94 7.56
C PHE A 7 -23.83 2.14 7.63
N ALA A 8 -23.09 2.28 8.72
CA ALA A 8 -21.84 1.53 8.89
C ALA A 8 -22.09 0.32 9.76
N ARG A 9 -21.24 -0.68 9.60
CA ARG A 9 -21.30 -1.91 10.39
C ARG A 9 -19.87 -2.39 10.60
N THR A 10 -19.70 -3.33 11.53
CA THR A 10 -18.41 -3.90 11.84
C THR A 10 -18.25 -5.19 11.06
N ILE A 11 -17.10 -5.37 10.42
CA ILE A 11 -16.81 -6.61 9.71
C ILE A 11 -15.41 -6.93 10.15
N PHE A 12 -14.88 -8.06 9.71
CA PHE A 12 -13.52 -8.47 10.10
C PHE A 12 -12.48 -8.42 8.98
N ASP A 13 -11.30 -7.89 9.28
CA ASP A 13 -10.26 -7.82 8.27
C ASP A 13 -9.56 -9.15 8.08
N SER A 14 -8.65 -9.20 7.13
CA SER A 14 -7.89 -10.39 6.78
C SER A 14 -7.09 -11.02 7.91
N ARG A 15 -6.94 -10.28 9.01
CA ARG A 15 -6.18 -10.74 10.17
C ARG A 15 -7.06 -11.16 11.35
N GLY A 16 -8.36 -10.98 11.20
CA GLY A 16 -9.28 -11.38 12.25
C GLY A 16 -9.64 -10.24 13.16
N ASN A 17 -9.32 -9.01 12.78
CA ASN A 17 -9.65 -7.84 13.61
C ASN A 17 -10.80 -7.07 13.00
N PRO A 18 -11.63 -6.44 13.85
CA PRO A 18 -12.78 -5.66 13.39
C PRO A 18 -12.35 -4.46 12.55
N THR A 19 -13.21 -4.02 11.65
CA THR A 19 -12.96 -2.86 10.81
C THR A 19 -14.33 -2.36 10.32
N VAL A 20 -14.38 -1.13 9.81
CA VAL A 20 -15.60 -0.49 9.37
C VAL A 20 -16.00 -0.80 7.92
N GLU A 21 -17.30 -0.99 7.72
CA GLU A 21 -17.88 -1.23 6.41
C GLU A 21 -19.09 -0.29 6.30
N VAL A 22 -19.13 0.49 5.22
CA VAL A 22 -20.19 1.47 4.98
C VAL A 22 -21.05 1.14 3.79
N ASP A 23 -22.35 1.26 3.99
CA ASP A 23 -23.35 1.02 2.95
C ASP A 23 -23.85 2.42 2.67
N LEU A 24 -23.99 2.76 1.41
CA LEU A 24 -24.46 4.08 1.10
C LEU A 24 -25.50 3.91 0.03
N TYR A 25 -26.61 4.64 0.13
CA TYR A 25 -27.67 4.53 -0.85
C TYR A 25 -27.98 5.85 -1.54
N THR A 26 -28.32 5.74 -2.81
CA THR A 26 -28.75 6.87 -3.64
C THR A 26 -29.91 6.20 -4.39
N SER A 27 -30.60 6.93 -5.27
CA SER A 27 -31.69 6.31 -5.98
C SER A 27 -31.13 5.27 -6.94
N LYS A 28 -29.82 5.28 -7.14
CA LYS A 28 -29.17 4.28 -8.00
C LYS A 28 -28.98 2.97 -7.26
N GLY A 29 -29.03 3.01 -5.93
CA GLY A 29 -28.87 1.80 -5.15
C GLY A 29 -27.88 1.83 -4.01
N LEU A 30 -27.40 0.65 -3.63
CA LEU A 30 -26.44 0.49 -2.53
C LEU A 30 -25.00 0.52 -3.03
N PHE A 31 -24.15 1.24 -2.33
CA PHE A 31 -22.74 1.30 -2.65
C PHE A 31 -21.99 1.01 -1.37
N ARG A 32 -21.25 -0.08 -1.39
CA ARG A 32 -20.51 -0.53 -0.21
C ARG A 32 -18.99 -0.42 -0.28
N ALA A 33 -18.38 0.01 0.81
CA ALA A 33 -16.95 0.12 0.87
C ALA A 33 -16.46 -0.31 2.25
N ALA A 34 -15.27 -0.89 2.33
CA ALA A 34 -14.72 -1.29 3.61
C ALA A 34 -13.36 -0.62 3.81
N VAL A 35 -12.99 -0.40 5.06
CA VAL A 35 -11.74 0.27 5.41
C VAL A 35 -10.68 -0.75 5.84
N PRO A 36 -9.43 -0.58 5.40
CA PRO A 36 -8.36 -1.50 5.77
C PRO A 36 -7.65 -0.99 7.03
N SER A 37 -6.57 -1.69 7.44
CA SER A 37 -5.72 -1.39 8.61
C SER A 37 -5.87 -0.02 9.29
N GLY A 38 -4.74 0.67 9.48
CA GLY A 38 -4.77 1.99 10.10
C GLY A 38 -4.01 2.12 11.40
N ALA A 39 -3.58 3.34 11.71
CA ALA A 39 -2.86 3.59 12.95
C ALA A 39 -3.89 4.01 13.97
N SER A 40 -4.09 3.14 14.96
CA SER A 40 -5.06 3.38 16.03
C SER A 40 -4.63 4.59 16.83
N THR A 41 -3.42 5.05 16.55
CA THR A 41 -2.76 6.20 17.16
C THR A 41 -1.38 6.24 16.50
N GLY A 42 -1.03 7.42 16.01
CA GLY A 42 0.23 7.66 15.34
C GLY A 42 0.38 9.17 15.38
N VAL A 43 1.53 9.70 14.99
CA VAL A 43 1.68 11.16 15.08
C VAL A 43 1.68 11.83 13.71
N HIS A 44 1.83 11.05 12.64
CA HIS A 44 1.83 11.62 11.31
C HIS A 44 0.60 11.34 10.47
N GLU A 45 0.09 10.12 10.56
CA GLU A 45 -1.09 9.74 9.78
C GLU A 45 -2.40 10.00 10.49
N ALA A 46 -3.48 9.95 9.72
CA ALA A 46 -4.82 10.16 10.24
C ALA A 46 -5.10 8.97 11.16
N LEU A 47 -5.71 9.26 12.31
CA LEU A 47 -5.98 8.23 13.30
C LEU A 47 -7.22 7.40 13.12
N GLU A 48 -7.03 6.09 13.06
CA GLU A 48 -8.16 5.19 12.95
C GLU A 48 -8.60 5.00 14.38
N MET A 49 -9.90 5.12 14.60
CA MET A 49 -10.47 5.01 15.93
C MET A 49 -10.86 3.60 16.33
N ARG A 50 -10.15 3.06 17.31
CA ARG A 50 -10.45 1.74 17.86
C ARG A 50 -11.08 2.06 19.22
N ASP A 51 -11.61 1.05 19.90
CA ASP A 51 -12.23 1.32 21.18
C ASP A 51 -11.30 1.27 22.39
N GLY A 52 -10.27 0.43 22.32
CA GLY A 52 -9.33 0.33 23.43
C GLY A 52 -9.72 -0.57 24.61
N ASP A 53 -10.98 -1.02 24.65
CA ASP A 53 -11.44 -1.92 25.71
C ASP A 53 -10.81 -3.28 25.44
N LYS A 54 -9.70 -3.56 26.09
CA LYS A 54 -8.99 -4.82 25.87
C LYS A 54 -9.83 -6.05 26.15
N SER A 55 -10.96 -5.87 26.82
CA SER A 55 -11.87 -6.96 27.13
C SER A 55 -12.59 -7.42 25.85
N LYS A 56 -13.00 -6.44 25.04
CA LYS A 56 -13.71 -6.73 23.81
C LYS A 56 -12.75 -6.70 22.62
N TYR A 57 -12.71 -7.82 21.91
CA TYR A 57 -11.89 -7.98 20.71
C TYR A 57 -10.42 -7.58 20.86
N HIS A 58 -9.91 -7.60 22.08
CA HIS A 58 -8.52 -7.24 22.33
C HIS A 58 -8.25 -5.74 22.18
N GLY A 59 -9.24 -4.93 22.52
CA GLY A 59 -9.09 -3.50 22.41
C GLY A 59 -9.17 -2.98 20.99
N LYS A 60 -9.52 -3.86 20.04
CA LYS A 60 -9.62 -3.50 18.63
C LYS A 60 -11.01 -3.30 18.03
N SER A 61 -12.06 -3.25 18.86
CA SER A 61 -13.39 -3.04 18.30
C SER A 61 -13.50 -1.64 17.67
N VAL A 62 -14.56 -1.40 16.91
CA VAL A 62 -14.73 -0.12 16.24
C VAL A 62 -16.14 0.39 16.31
N PHE A 63 -16.82 0.06 17.39
CA PHE A 63 -18.21 0.48 17.55
C PHE A 63 -18.29 2.00 17.61
N ASN A 64 -17.22 2.63 18.07
CA ASN A 64 -17.17 4.09 18.17
C ASN A 64 -17.15 4.73 16.78
N ALA A 65 -16.25 4.24 15.92
CA ALA A 65 -16.11 4.74 14.54
C ALA A 65 -17.43 4.51 13.80
N VAL A 66 -18.01 3.33 14.01
CA VAL A 66 -19.27 2.94 13.43
C VAL A 66 -20.41 3.88 13.88
N LYS A 67 -20.37 4.26 15.16
CA LYS A 67 -21.37 5.15 15.74
C LYS A 67 -21.19 6.57 15.19
N ASN A 68 -19.95 7.02 15.06
CA ASN A 68 -19.68 8.36 14.51
C ASN A 68 -20.23 8.45 13.10
N VAL A 69 -20.19 7.35 12.37
CA VAL A 69 -20.72 7.35 11.01
C VAL A 69 -22.23 7.45 11.07
N ASN A 70 -22.85 6.45 11.69
CA ASN A 70 -24.31 6.38 11.79
C ASN A 70 -25.07 7.54 12.40
N ASP A 71 -24.62 8.04 13.53
CA ASP A 71 -25.36 9.14 14.15
C ASP A 71 -24.80 10.54 14.03
N VAL A 72 -23.63 10.68 13.39
CA VAL A 72 -23.01 11.99 13.21
C VAL A 72 -22.86 12.29 11.71
N ILE A 73 -21.99 11.54 11.05
CA ILE A 73 -21.74 11.74 9.64
C ILE A 73 -22.97 11.56 8.78
N VAL A 74 -23.66 10.43 8.96
CA VAL A 74 -24.85 10.13 8.20
C VAL A 74 -25.93 11.21 8.15
N PRO A 75 -26.56 11.53 9.31
CA PRO A 75 -27.60 12.56 9.25
C PRO A 75 -27.09 13.90 8.73
N GLU A 76 -25.88 14.28 9.14
CA GLU A 76 -25.29 15.53 8.70
C GLU A 76 -25.10 15.61 7.19
N ILE A 77 -24.60 14.55 6.57
CA ILE A 77 -24.37 14.59 5.13
C ILE A 77 -25.63 14.40 4.34
N ILE A 78 -26.64 13.77 4.93
CA ILE A 78 -27.91 13.60 4.24
C ILE A 78 -28.54 14.99 4.13
N LYS A 79 -28.52 15.72 5.25
CA LYS A 79 -29.10 17.07 5.27
C LYS A 79 -28.24 18.10 4.55
N SER A 80 -26.95 17.80 4.37
CA SER A 80 -26.03 18.70 3.69
C SER A 80 -26.51 18.96 2.27
N GLY A 81 -27.18 17.95 1.69
CA GLY A 81 -27.69 18.06 0.34
C GLY A 81 -26.62 17.93 -0.73
N LEU A 82 -25.43 17.46 -0.34
CA LEU A 82 -24.34 17.29 -1.28
C LEU A 82 -24.59 16.03 -2.07
N LYS A 83 -24.24 16.05 -3.35
CA LYS A 83 -24.43 14.90 -4.23
C LYS A 83 -23.15 14.03 -4.25
N VAL A 84 -23.29 12.74 -4.49
CA VAL A 84 -22.15 11.81 -4.52
C VAL A 84 -21.17 12.17 -5.64
N THR A 85 -21.65 13.02 -6.52
CA THR A 85 -20.88 13.49 -7.67
C THR A 85 -19.96 14.67 -7.26
N GLN A 86 -20.06 15.10 -6.01
CA GLN A 86 -19.26 16.18 -5.48
C GLN A 86 -18.25 15.64 -4.51
N GLN A 87 -17.32 14.83 -5.02
CA GLN A 87 -16.32 14.19 -4.16
C GLN A 87 -15.57 15.12 -3.23
N LYS A 88 -15.05 16.19 -3.78
CA LYS A 88 -14.28 17.16 -3.01
C LYS A 88 -15.12 17.83 -1.93
N GLU A 89 -16.35 18.18 -2.29
CA GLU A 89 -17.25 18.84 -1.37
C GLU A 89 -17.68 17.91 -0.22
N CYS A 90 -18.00 16.67 -0.54
CA CYS A 90 -18.40 15.70 0.47
C CYS A 90 -17.26 15.43 1.43
N ASP A 91 -16.06 15.24 0.88
CA ASP A 91 -14.84 14.97 1.68
C ASP A 91 -14.52 16.18 2.56
N GLU A 92 -14.68 17.37 1.98
CA GLU A 92 -14.43 18.61 2.68
C GLU A 92 -15.39 18.77 3.85
N PHE A 93 -16.65 18.52 3.57
CA PHE A 93 -17.71 18.61 4.56
C PHE A 93 -17.40 17.74 5.77
N MET A 94 -17.04 16.49 5.52
CA MET A 94 -16.73 15.56 6.58
C MET A 94 -15.54 16.00 7.42
N CYS A 95 -14.51 16.54 6.77
CA CYS A 95 -13.33 17.02 7.47
C CYS A 95 -13.72 18.22 8.33
N LYS A 96 -14.54 19.10 7.78
CA LYS A 96 -14.97 20.25 8.56
C LYS A 96 -15.63 19.65 9.79
N LEU A 97 -16.59 18.78 9.53
CA LEU A 97 -17.36 18.08 10.55
C LEU A 97 -16.48 17.47 11.64
N ASP A 98 -15.29 17.03 11.25
CA ASP A 98 -14.35 16.43 12.18
C ASP A 98 -13.58 17.49 12.98
N GLY A 99 -13.16 18.56 12.32
CA GLY A 99 -12.44 19.61 13.00
C GLY A 99 -10.96 19.34 13.28
N THR A 100 -10.58 18.09 13.55
CA THR A 100 -9.18 17.85 13.82
C THR A 100 -8.39 17.75 12.53
N GLU A 101 -7.07 17.81 12.66
CA GLU A 101 -6.20 17.74 11.50
C GLU A 101 -5.94 16.29 11.10
N ASN A 102 -5.93 15.39 12.07
CA ASN A 102 -5.68 13.97 11.81
C ASN A 102 -6.94 13.12 11.90
N LYS A 103 -8.09 13.77 11.77
CA LYS A 103 -9.38 13.07 11.82
C LYS A 103 -9.56 12.25 13.09
N SER A 104 -9.09 12.81 14.18
CA SER A 104 -9.16 12.17 15.48
C SER A 104 -10.49 12.34 16.22
N SER A 105 -11.33 13.28 15.78
CA SER A 105 -12.62 13.48 16.41
C SER A 105 -13.60 12.35 16.01
N LEU A 106 -13.77 12.14 14.70
CA LEU A 106 -14.66 11.11 14.18
C LEU A 106 -13.98 9.78 13.82
N GLY A 107 -12.67 9.85 13.55
CA GLY A 107 -11.93 8.67 13.16
C GLY A 107 -11.73 8.62 11.66
N ALA A 108 -10.49 8.46 11.22
CA ALA A 108 -10.19 8.37 9.79
C ALA A 108 -10.90 7.18 9.17
N ASN A 109 -11.10 6.11 9.96
CA ASN A 109 -11.79 4.90 9.45
C ASN A 109 -13.27 5.18 9.25
N ALA A 110 -13.80 6.13 10.01
CA ALA A 110 -15.19 6.53 9.88
C ALA A 110 -15.31 7.30 8.56
N ILE A 111 -14.51 8.37 8.43
CA ILE A 111 -14.52 9.22 7.23
C ILE A 111 -14.15 8.53 5.94
N LEU A 112 -13.11 7.71 5.94
CA LEU A 112 -12.71 7.03 4.72
C LEU A 112 -13.76 6.06 4.20
N GLY A 113 -14.42 5.32 5.08
CA GLY A 113 -15.44 4.39 4.62
C GLY A 113 -16.55 5.08 3.84
N VAL A 114 -17.04 6.22 4.36
CA VAL A 114 -18.09 6.98 3.73
C VAL A 114 -17.53 7.61 2.45
N SER A 115 -16.29 8.09 2.53
CA SER A 115 -15.66 8.69 1.39
C SER A 115 -15.51 7.72 0.23
N LEU A 116 -15.12 6.49 0.52
CA LEU A 116 -14.97 5.46 -0.51
C LEU A 116 -16.30 5.09 -1.12
N ALA A 117 -17.35 5.04 -0.30
CA ALA A 117 -18.70 4.69 -0.74
C ALA A 117 -19.27 5.79 -1.65
N ILE A 118 -19.07 7.03 -1.27
CA ILE A 118 -19.49 8.17 -2.07
C ILE A 118 -18.85 8.08 -3.46
N CYS A 119 -17.56 7.73 -3.51
CA CYS A 119 -16.85 7.60 -4.79
C CYS A 119 -17.46 6.56 -5.69
N LYS A 120 -17.78 5.39 -5.16
CA LYS A 120 -18.39 4.35 -5.98
C LYS A 120 -19.80 4.79 -6.44
N ALA A 121 -20.50 5.51 -5.58
CA ALA A 121 -21.84 5.99 -5.90
C ALA A 121 -21.75 7.03 -7.02
N GLY A 122 -20.75 7.90 -6.92
CA GLY A 122 -20.51 8.93 -7.90
C GLY A 122 -20.24 8.40 -9.29
N ALA A 123 -19.49 7.31 -9.40
CA ALA A 123 -19.21 6.71 -10.69
C ALA A 123 -20.50 6.13 -11.26
N ALA A 124 -21.36 5.60 -10.37
CA ALA A 124 -22.63 5.04 -10.79
C ALA A 124 -23.59 6.13 -11.23
N GLU A 125 -23.56 7.28 -10.55
CA GLU A 125 -24.40 8.41 -10.91
C GLU A 125 -24.08 8.82 -12.34
N LEU A 126 -22.78 8.86 -12.65
CA LEU A 126 -22.30 9.24 -13.95
C LEU A 126 -22.34 8.12 -14.99
N GLY A 127 -22.65 6.91 -14.57
CA GLY A 127 -22.72 5.81 -15.53
C GLY A 127 -21.41 5.30 -16.10
N ILE A 128 -20.33 5.49 -15.37
CA ILE A 128 -18.99 5.05 -15.81
C ILE A 128 -18.37 4.12 -14.78
N PRO A 129 -17.43 3.25 -15.19
CA PRO A 129 -16.83 2.36 -14.18
C PRO A 129 -15.99 3.19 -13.21
N LEU A 130 -15.76 2.65 -12.01
CA LEU A 130 -15.01 3.38 -10.99
C LEU A 130 -13.61 3.86 -11.40
N TYR A 131 -12.87 3.07 -12.18
CA TYR A 131 -11.53 3.49 -12.56
C TYR A 131 -11.56 4.74 -13.44
N ARG A 132 -12.61 4.87 -14.25
CA ARG A 132 -12.79 6.02 -15.12
C ARG A 132 -13.17 7.27 -14.33
N HIS A 133 -14.02 7.11 -13.31
CA HIS A 133 -14.44 8.20 -12.45
C HIS A 133 -13.23 8.75 -11.69
N ILE A 134 -12.34 7.87 -11.24
CA ILE A 134 -11.14 8.29 -10.52
C ILE A 134 -10.18 9.04 -11.48
N ALA A 135 -10.04 8.53 -12.72
CA ALA A 135 -9.19 9.17 -13.72
C ALA A 135 -9.70 10.57 -13.92
N ASN A 136 -11.00 10.71 -14.16
CA ASN A 136 -11.61 12.03 -14.36
C ASN A 136 -11.48 12.95 -13.15
N LEU A 137 -11.53 12.39 -11.95
CA LEU A 137 -11.38 13.21 -10.76
C LEU A 137 -9.95 13.72 -10.73
N ALA A 138 -9.01 12.90 -11.19
CA ALA A 138 -7.58 13.23 -11.22
C ALA A 138 -7.15 13.84 -12.55
N ASN A 139 -8.11 14.09 -13.42
CA ASN A 139 -7.86 14.71 -14.71
C ASN A 139 -7.14 13.90 -15.75
N TYR A 140 -7.19 12.58 -15.64
CA TYR A 140 -6.54 11.75 -16.61
C TYR A 140 -7.51 11.42 -17.72
N ASP A 141 -6.97 11.39 -18.92
CA ASP A 141 -7.75 11.09 -20.12
C ASP A 141 -7.56 9.63 -20.45
N GLU A 142 -6.45 9.06 -19.97
CA GLU A 142 -6.15 7.67 -20.23
C GLU A 142 -5.83 6.95 -18.94
N VAL A 143 -6.07 5.65 -18.91
CA VAL A 143 -5.75 4.84 -17.74
C VAL A 143 -4.78 3.77 -18.20
N ILE A 144 -4.05 3.18 -17.26
CA ILE A 144 -3.09 2.20 -17.65
C ILE A 144 -2.97 1.09 -16.61
N LEU A 145 -2.84 -0.14 -17.08
CA LEU A 145 -2.70 -1.31 -16.20
C LEU A 145 -1.33 -1.25 -15.54
N PRO A 146 -1.29 -1.45 -14.22
CA PRO A 146 -0.06 -1.43 -13.41
C PRO A 146 0.81 -2.68 -13.40
N VAL A 147 2.03 -2.52 -12.86
CA VAL A 147 2.98 -3.61 -12.71
C VAL A 147 2.76 -3.98 -11.25
N PRO A 148 2.50 -5.27 -10.97
CA PRO A 148 2.28 -5.68 -9.59
C PRO A 148 3.57 -5.97 -8.79
N ALA A 149 3.62 -5.49 -7.56
CA ALA A 149 4.76 -5.72 -6.69
C ALA A 149 4.35 -6.79 -5.69
N PHE A 150 4.58 -8.04 -6.06
CA PHE A 150 4.23 -9.20 -5.23
C PHE A 150 5.15 -9.45 -4.08
N ASN A 151 4.69 -9.21 -2.87
CA ASN A 151 5.52 -9.46 -1.72
C ASN A 151 5.64 -10.98 -1.62
N VAL A 152 6.87 -11.51 -1.62
CA VAL A 152 7.07 -12.95 -1.55
C VAL A 152 7.85 -13.51 -0.36
N ILE A 153 8.74 -12.75 0.24
CA ILE A 153 9.51 -13.23 1.39
C ILE A 153 9.32 -12.15 2.46
N ASN A 154 9.08 -12.56 3.72
CA ASN A 154 8.85 -11.59 4.78
C ASN A 154 9.90 -11.61 5.88
N GLY A 155 9.99 -10.50 6.59
CA GLY A 155 10.94 -10.33 7.69
C GLY A 155 10.51 -9.07 8.42
N GLY A 156 11.23 -8.65 9.46
CA GLY A 156 10.86 -7.43 10.18
C GLY A 156 9.47 -7.43 10.81
N SER A 157 8.44 -7.39 9.97
CA SER A 157 7.03 -7.43 10.37
C SER A 157 6.27 -8.12 9.24
N HIS A 158 5.01 -8.45 9.50
CA HIS A 158 4.17 -9.20 8.55
C HIS A 158 4.52 -10.68 8.80
N ALA A 159 5.66 -10.90 9.44
CA ALA A 159 6.20 -12.21 9.81
C ALA A 159 7.28 -11.93 10.88
N GLY A 160 7.95 -12.97 11.35
CA GLY A 160 8.97 -12.76 12.37
C GLY A 160 9.98 -13.88 12.52
N ASN A 161 11.16 -13.65 11.94
CA ASN A 161 12.28 -14.60 11.96
C ASN A 161 13.52 -13.88 12.51
N LYS A 162 14.42 -13.49 11.61
CA LYS A 162 15.64 -12.78 11.97
C LYS A 162 15.72 -11.63 10.96
N LEU A 163 15.49 -12.00 9.70
CA LEU A 163 15.51 -11.12 8.54
C LEU A 163 14.88 -9.77 8.87
N ALA A 164 15.72 -8.77 9.12
CA ALA A 164 15.22 -7.44 9.45
C ALA A 164 14.50 -6.69 8.31
N MET A 165 14.98 -6.80 7.06
CA MET A 165 14.32 -6.11 5.95
C MET A 165 12.88 -6.61 5.84
N GLN A 166 11.91 -5.71 5.91
CA GLN A 166 10.51 -6.09 5.87
C GLN A 166 9.91 -6.81 4.67
N GLU A 167 10.12 -6.32 3.46
CA GLU A 167 9.51 -6.99 2.28
C GLU A 167 10.46 -7.18 1.11
N PHE A 168 10.31 -8.30 0.42
CA PHE A 168 11.08 -8.63 -0.77
C PHE A 168 10.04 -8.96 -1.78
N MET A 169 9.98 -8.17 -2.84
CA MET A 169 8.95 -8.35 -3.86
C MET A 169 9.52 -8.57 -5.22
N ILE A 170 8.72 -9.13 -6.12
CA ILE A 170 9.10 -9.34 -7.50
C ILE A 170 8.14 -8.47 -8.31
N LEU A 171 8.61 -7.95 -9.44
CA LEU A 171 7.80 -7.09 -10.30
C LEU A 171 7.97 -7.49 -11.74
N PRO A 172 6.93 -8.07 -12.35
CA PRO A 172 7.01 -8.47 -13.74
C PRO A 172 7.02 -7.26 -14.69
N THR A 173 8.08 -6.45 -14.59
CA THR A 173 8.24 -5.26 -15.43
C THR A 173 8.38 -5.66 -16.89
N GLY A 174 8.96 -6.84 -17.11
CA GLY A 174 9.14 -7.36 -18.45
C GLY A 174 7.95 -8.15 -18.99
N ALA A 175 6.79 -8.06 -18.34
CA ALA A 175 5.62 -8.78 -18.82
C ALA A 175 5.02 -7.98 -19.96
N THR A 176 4.35 -8.67 -20.87
CA THR A 176 3.73 -8.02 -22.02
C THR A 176 2.36 -7.43 -21.65
N SER A 177 1.69 -8.02 -20.67
CA SER A 177 0.36 -7.54 -20.26
C SER A 177 0.13 -7.86 -18.79
N PHE A 178 -1.00 -7.41 -18.26
CA PHE A 178 -1.30 -7.70 -16.85
C PHE A 178 -1.57 -9.20 -16.66
N THR A 179 -2.20 -9.81 -17.66
CA THR A 179 -2.46 -11.24 -17.60
C THR A 179 -1.11 -11.92 -17.47
N GLU A 180 -0.23 -11.67 -18.44
CA GLU A 180 1.11 -12.26 -18.44
C GLU A 180 1.89 -11.99 -17.16
N ALA A 181 1.68 -10.84 -16.54
CA ALA A 181 2.35 -10.53 -15.29
C ALA A 181 1.80 -11.39 -14.13
N MET A 182 0.50 -11.72 -14.19
CA MET A 182 -0.13 -12.56 -13.16
C MET A 182 0.42 -13.96 -13.29
N ARG A 183 0.59 -14.41 -14.53
CA ARG A 183 1.18 -15.72 -14.76
C ARG A 183 2.61 -15.75 -14.24
N MET A 184 3.44 -14.79 -14.68
CA MET A 184 4.82 -14.71 -14.23
C MET A 184 4.87 -14.66 -12.71
N GLY A 185 3.96 -13.88 -12.12
CA GLY A 185 3.92 -13.74 -10.68
C GLY A 185 3.58 -15.00 -9.90
N THR A 186 2.51 -15.70 -10.27
CA THR A 186 2.11 -16.92 -9.56
C THR A 186 3.10 -18.07 -9.76
N GLU A 187 3.59 -18.23 -10.99
CA GLU A 187 4.57 -19.28 -11.30
C GLU A 187 5.82 -19.16 -10.45
N VAL A 188 6.36 -17.95 -10.38
CA VAL A 188 7.54 -17.72 -9.58
C VAL A 188 7.22 -18.02 -8.13
N TYR A 189 6.05 -17.56 -7.66
CA TYR A 189 5.58 -17.78 -6.28
C TYR A 189 5.58 -19.26 -5.92
N HIS A 190 5.11 -20.09 -6.83
CA HIS A 190 5.06 -21.51 -6.61
C HIS A 190 6.45 -22.12 -6.67
N HIS A 191 7.23 -21.75 -7.69
CA HIS A 191 8.58 -22.27 -7.81
C HIS A 191 9.37 -21.90 -6.56
N LEU A 192 9.04 -20.75 -5.99
CA LEU A 192 9.71 -20.29 -4.79
C LEU A 192 9.25 -21.10 -3.59
N LYS A 193 8.03 -21.62 -3.66
CA LYS A 193 7.49 -22.44 -2.57
C LYS A 193 8.25 -23.75 -2.59
N ALA A 194 8.46 -24.27 -3.79
CA ALA A 194 9.20 -25.50 -3.99
C ALA A 194 10.61 -25.36 -3.40
N VAL A 195 11.28 -24.26 -3.74
CA VAL A 195 12.63 -23.96 -3.26
C VAL A 195 12.74 -23.84 -1.74
N ILE A 196 11.82 -23.11 -1.12
CA ILE A 196 11.83 -22.93 0.33
C ILE A 196 11.53 -24.24 1.05
N LYS A 197 10.64 -25.03 0.46
CA LYS A 197 10.26 -26.32 1.02
C LYS A 197 11.52 -27.17 1.05
N ALA A 198 12.21 -27.23 -0.10
CA ALA A 198 13.45 -28.01 -0.23
C ALA A 198 14.53 -27.53 0.74
N ARG A 199 14.93 -26.28 0.60
CA ARG A 199 15.97 -25.71 1.46
C ARG A 199 15.67 -25.63 2.95
N PHE A 200 14.41 -25.43 3.33
CA PHE A 200 14.10 -25.30 4.77
C PHE A 200 12.98 -26.20 5.28
N GLY A 201 12.44 -27.06 4.44
CA GLY A 201 11.38 -27.93 4.91
C GLY A 201 10.00 -27.39 4.66
N LEU A 202 9.06 -28.32 4.54
CA LEU A 202 7.65 -28.00 4.28
C LEU A 202 7.06 -26.96 5.20
N ASP A 203 7.35 -27.07 6.49
CA ASP A 203 6.82 -26.11 7.46
C ASP A 203 7.18 -24.64 7.20
N ALA A 204 8.24 -24.40 6.42
CA ALA A 204 8.68 -23.03 6.12
C ALA A 204 7.85 -22.35 5.02
N THR A 205 6.91 -23.09 4.43
CA THR A 205 6.05 -22.59 3.36
C THR A 205 4.74 -21.96 3.88
N ALA A 206 4.63 -21.81 5.19
CA ALA A 206 3.46 -21.17 5.78
C ALA A 206 3.62 -19.69 5.42
N VAL A 207 2.51 -18.94 5.40
CA VAL A 207 2.54 -17.53 5.01
C VAL A 207 2.25 -16.48 6.10
N GLY A 208 2.74 -15.27 5.87
CA GLY A 208 2.49 -14.20 6.80
C GLY A 208 1.26 -13.40 6.36
N ASP A 209 1.01 -12.28 7.03
CA ASP A 209 -0.13 -11.40 6.74
C ASP A 209 -0.38 -11.10 5.26
N GLU A 210 0.68 -11.01 4.46
CA GLU A 210 0.56 -10.70 3.04
C GLU A 210 0.66 -11.84 2.07
N GLY A 211 0.64 -13.07 2.57
CA GLY A 211 0.68 -14.22 1.69
C GLY A 211 2.04 -14.71 1.24
N GLY A 212 3.08 -14.06 1.76
CA GLY A 212 4.43 -14.42 1.37
C GLY A 212 5.03 -15.35 2.38
N PHE A 213 5.97 -16.16 1.90
CA PHE A 213 6.61 -17.13 2.75
C PHE A 213 7.52 -16.37 3.69
N ALA A 214 7.94 -17.02 4.76
CA ALA A 214 8.83 -16.39 5.73
C ALA A 214 9.83 -17.38 6.34
N PRO A 215 10.69 -18.00 5.51
CA PRO A 215 11.66 -18.95 6.04
C PRO A 215 12.62 -18.28 7.01
N ASN A 216 13.18 -19.07 7.92
CA ASN A 216 14.13 -18.57 8.90
C ASN A 216 15.47 -18.31 8.23
N ILE A 217 15.52 -17.21 7.49
CA ILE A 217 16.74 -16.82 6.80
C ILE A 217 17.44 -15.79 7.67
N LEU A 218 18.75 -15.70 7.51
CA LEU A 218 19.56 -14.77 8.29
C LEU A 218 19.80 -13.47 7.54
N ASN A 219 20.64 -13.54 6.51
CA ASN A 219 20.98 -12.37 5.73
C ASN A 219 19.96 -12.04 4.67
N ASN A 220 19.72 -10.75 4.51
CA ASN A 220 18.78 -10.24 3.52
C ASN A 220 19.19 -10.72 2.15
N LYS A 221 20.50 -10.84 1.96
CA LYS A 221 21.04 -11.32 0.69
C LYS A 221 20.54 -12.72 0.44
N ASP A 222 20.31 -13.47 1.52
CA ASP A 222 19.81 -14.84 1.40
C ASP A 222 18.44 -14.81 0.75
N ALA A 223 17.63 -13.84 1.17
CA ALA A 223 16.29 -13.66 0.64
C ALA A 223 16.37 -13.39 -0.87
N LEU A 224 17.25 -12.47 -1.25
CA LEU A 224 17.42 -12.12 -2.65
C LEU A 224 17.86 -13.32 -3.49
N ASP A 225 18.79 -14.12 -2.95
CA ASP A 225 19.28 -15.32 -3.65
C ASP A 225 18.15 -16.31 -3.90
N LEU A 226 17.31 -16.48 -2.89
CA LEU A 226 16.15 -17.38 -2.96
C LEU A 226 15.26 -16.96 -4.13
N ILE A 227 14.93 -15.66 -4.15
CA ILE A 227 14.07 -15.09 -5.18
C ILE A 227 14.72 -15.27 -6.51
N GLN A 228 16.01 -14.95 -6.58
CA GLN A 228 16.76 -15.07 -7.81
C GLN A 228 16.69 -16.49 -8.37
N GLU A 229 16.67 -17.48 -7.48
CA GLU A 229 16.58 -18.85 -7.93
C GLU A 229 15.20 -19.15 -8.53
N ALA A 230 14.14 -18.71 -7.86
CA ALA A 230 12.77 -18.93 -8.32
C ALA A 230 12.55 -18.33 -9.71
N ILE A 231 13.13 -17.17 -9.95
CA ILE A 231 12.99 -16.50 -11.25
C ILE A 231 13.67 -17.30 -12.36
N LYS A 232 14.82 -17.89 -12.02
CA LYS A 232 15.60 -18.71 -12.94
C LYS A 232 14.81 -19.99 -13.26
N LYS A 233 14.34 -20.65 -12.20
CA LYS A 233 13.55 -21.88 -12.29
C LYS A 233 12.33 -21.63 -13.19
N ALA A 234 11.66 -20.51 -12.95
CA ALA A 234 10.48 -20.15 -13.72
C ALA A 234 10.85 -19.79 -15.16
N GLY A 235 12.12 -19.43 -15.37
CA GLY A 235 12.59 -19.06 -16.70
C GLY A 235 12.19 -17.64 -17.03
N TYR A 236 12.16 -16.79 -16.01
CA TYR A 236 11.76 -15.41 -16.22
C TYR A 236 12.84 -14.42 -15.96
N THR A 237 14.07 -14.91 -15.88
CA THR A 237 15.24 -14.07 -15.67
C THR A 237 15.24 -12.96 -16.71
N GLY A 238 15.38 -11.72 -16.25
CA GLY A 238 15.38 -10.57 -17.15
C GLY A 238 14.02 -10.01 -17.52
N LYS A 239 12.96 -10.57 -16.96
CA LYS A 239 11.62 -10.09 -17.24
C LYS A 239 11.04 -9.63 -15.91
N ILE A 240 11.60 -10.15 -14.83
CA ILE A 240 11.15 -9.84 -13.50
C ILE A 240 12.26 -9.13 -12.77
N GLU A 241 11.91 -8.05 -12.07
CA GLU A 241 12.86 -7.27 -11.30
C GLU A 241 12.47 -7.39 -9.86
N ILE A 242 13.34 -6.95 -8.97
CA ILE A 242 13.09 -7.08 -7.54
C ILE A 242 12.82 -5.73 -6.93
N GLY A 243 12.05 -5.72 -5.85
CA GLY A 243 11.70 -4.49 -5.14
C GLY A 243 11.82 -4.74 -3.66
N MET A 244 12.16 -3.73 -2.89
CA MET A 244 12.30 -3.95 -1.47
C MET A 244 11.64 -2.87 -0.68
N ASP A 245 11.47 -3.14 0.61
CA ASP A 245 10.88 -2.24 1.57
C ASP A 245 11.67 -2.62 2.78
N VAL A 246 12.63 -1.80 3.10
CA VAL A 246 13.51 -2.05 4.22
C VAL A 246 12.89 -1.72 5.59
N ALA A 247 11.93 -0.80 5.60
CA ALA A 247 11.25 -0.35 6.84
C ALA A 247 12.30 -0.02 7.88
N ALA A 248 13.43 0.50 7.44
CA ALA A 248 14.55 0.82 8.28
C ALA A 248 14.22 1.59 9.53
N SER A 249 13.07 2.23 9.57
CA SER A 249 12.70 2.99 10.76
C SER A 249 12.63 2.07 12.01
N GLU A 250 12.25 0.82 11.82
CA GLU A 250 12.12 -0.14 12.92
C GLU A 250 13.44 -0.49 13.61
N PHE A 251 14.52 -0.62 12.85
CA PHE A 251 15.81 -0.96 13.44
C PHE A 251 16.76 0.17 13.68
N TYR A 252 16.28 1.38 13.44
CA TYR A 252 17.10 2.56 13.65
C TYR A 252 17.17 2.69 15.18
N LYS A 253 18.38 2.56 15.71
CA LYS A 253 18.56 2.66 17.14
C LYS A 253 18.99 4.05 17.54
N GLN A 254 20.24 4.15 18.00
CA GLN A 254 20.79 5.42 18.43
C GLN A 254 21.16 6.25 17.23
N ASN A 255 21.68 7.44 17.49
CA ASN A 255 22.11 8.36 16.45
C ASN A 255 22.85 7.61 15.32
N ASN A 256 22.45 7.87 14.08
CA ASN A 256 23.05 7.28 12.89
C ASN A 256 23.34 5.79 12.98
N ILE A 257 22.61 5.08 13.81
CA ILE A 257 22.84 3.66 13.99
C ILE A 257 21.64 2.79 13.66
N TYR A 258 21.83 1.86 12.74
CA TYR A 258 20.77 0.92 12.34
C TYR A 258 21.16 -0.45 12.85
N ASP A 259 20.18 -1.22 13.33
CA ASP A 259 20.46 -2.53 13.87
C ASP A 259 19.27 -3.46 14.02
N LEU A 260 18.65 -3.44 15.21
CA LEU A 260 17.51 -4.30 15.59
C LEU A 260 18.09 -5.63 16.09
N ASP A 261 19.39 -5.81 15.84
CA ASP A 261 20.11 -7.03 16.17
C ASP A 261 19.37 -8.11 15.38
N PHE A 262 18.67 -7.62 14.36
CA PHE A 262 17.83 -8.41 13.49
C PHE A 262 17.05 -9.40 14.33
N LYS A 263 16.38 -8.81 15.32
CA LYS A 263 15.51 -9.53 16.28
C LYS A 263 16.25 -10.46 17.26
N THR A 264 17.37 -9.96 17.79
CA THR A 264 18.20 -10.71 18.73
C THR A 264 18.67 -9.78 19.84
N ALA A 265 18.11 -9.94 21.03
CA ALA A 265 18.46 -9.10 22.18
C ALA A 265 19.97 -8.95 22.45
N ASN A 266 20.80 -9.73 21.73
CA ASN A 266 22.26 -9.65 21.88
C ASN A 266 23.06 -9.80 20.58
N ASN A 267 22.39 -9.55 19.44
CA ASN A 267 23.03 -9.64 18.12
C ASN A 267 23.80 -8.35 17.90
N ASP A 268 23.80 -7.54 18.94
CA ASP A 268 24.48 -6.25 18.98
C ASP A 268 25.95 -6.36 18.55
N GLY A 269 26.43 -5.34 17.84
CA GLY A 269 27.81 -5.37 17.38
C GLY A 269 27.89 -6.09 16.04
N SER A 270 27.20 -7.22 15.93
CA SER A 270 27.16 -8.03 14.70
C SER A 270 26.38 -7.28 13.59
N GLN A 271 25.97 -6.06 13.91
CA GLN A 271 25.22 -5.23 13.01
C GLN A 271 25.22 -3.79 13.49
N LYS A 272 26.38 -3.36 13.98
CA LYS A 272 26.60 -1.99 14.43
C LYS A 272 26.94 -1.25 13.13
N ILE A 273 25.90 -0.96 12.34
CA ILE A 273 26.10 -0.28 11.07
C ILE A 273 25.42 1.07 11.01
N SER A 274 26.21 2.11 10.80
CA SER A 274 25.67 3.46 10.68
C SER A 274 25.01 3.54 9.31
N GLY A 275 24.24 4.60 9.08
CA GLY A 275 23.56 4.76 7.82
C GLY A 275 24.41 4.54 6.59
N ASP A 276 25.59 5.15 6.55
CA ASP A 276 26.49 5.02 5.40
C ASP A 276 26.88 3.57 5.10
N GLN A 277 26.99 2.75 6.13
CA GLN A 277 27.35 1.34 5.95
C GLN A 277 26.13 0.61 5.38
N LEU A 278 24.95 1.06 5.81
CA LEU A 278 23.69 0.49 5.37
C LEU A 278 23.47 0.93 3.92
N ARG A 279 23.88 2.16 3.61
CA ARG A 279 23.73 2.70 2.28
C ARG A 279 24.65 1.98 1.31
N ASP A 280 25.84 1.60 1.76
CA ASP A 280 26.76 0.89 0.88
C ASP A 280 26.20 -0.49 0.56
N MET A 281 25.69 -1.12 1.61
CA MET A 281 25.10 -2.44 1.51
C MET A 281 24.03 -2.44 0.41
N TYR A 282 23.25 -1.36 0.33
CA TYR A 282 22.19 -1.25 -0.67
C TYR A 282 22.76 -1.25 -2.07
N MET A 283 23.87 -0.52 -2.23
CA MET A 283 24.53 -0.41 -3.53
C MET A 283 25.09 -1.75 -3.99
N GLU A 284 25.60 -2.55 -3.07
CA GLU A 284 26.11 -3.87 -3.43
C GLU A 284 24.95 -4.70 -3.99
N PHE A 285 23.81 -4.66 -3.30
CA PHE A 285 22.60 -5.38 -3.71
C PHE A 285 22.16 -4.92 -5.09
N CYS A 286 22.18 -3.60 -5.29
CA CYS A 286 21.79 -3.00 -6.56
C CYS A 286 22.61 -3.43 -7.76
N LYS A 287 23.91 -3.64 -7.59
CA LYS A 287 24.72 -4.09 -8.71
C LYS A 287 24.67 -5.61 -8.87
N ASP A 288 24.43 -6.32 -7.77
CA ASP A 288 24.36 -7.78 -7.77
C ASP A 288 23.00 -8.41 -8.13
N PHE A 289 21.91 -7.72 -7.77
CA PHE A 289 20.56 -8.22 -8.06
C PHE A 289 19.82 -7.15 -8.84
N PRO A 290 18.77 -7.53 -9.60
CA PRO A 290 17.98 -6.58 -10.41
C PRO A 290 17.01 -5.82 -9.52
N ILE A 291 17.54 -5.08 -8.57
CA ILE A 291 16.71 -4.31 -7.67
C ILE A 291 16.31 -3.00 -8.34
N VAL A 292 15.01 -2.81 -8.56
CA VAL A 292 14.55 -1.58 -9.20
C VAL A 292 13.91 -0.54 -8.29
N SER A 293 13.57 -0.93 -7.07
CA SER A 293 12.89 -0.03 -6.17
C SER A 293 13.16 -0.40 -4.74
N ILE A 294 13.45 0.59 -3.90
CA ILE A 294 13.71 0.36 -2.49
C ILE A 294 12.88 1.38 -1.70
N GLU A 295 12.09 0.86 -0.75
CA GLU A 295 11.19 1.66 0.07
C GLU A 295 11.76 1.83 1.46
N ASP A 296 11.69 3.05 1.98
CA ASP A 296 12.20 3.31 3.32
C ASP A 296 13.59 2.78 3.65
N PRO A 297 14.61 3.13 2.83
CA PRO A 297 15.97 2.66 3.09
C PRO A 297 16.49 3.14 4.45
N PHE A 298 15.94 4.25 4.93
CA PHE A 298 16.37 4.81 6.20
C PHE A 298 15.20 5.18 7.09
N ASP A 299 15.52 5.63 8.30
CA ASP A 299 14.52 6.04 9.27
C ASP A 299 13.79 7.26 8.72
N GLN A 300 12.49 7.36 9.01
CA GLN A 300 11.65 8.48 8.56
C GLN A 300 12.16 9.88 8.92
N ASP A 301 13.29 9.96 9.61
CA ASP A 301 13.85 11.24 9.98
C ASP A 301 15.32 11.33 9.62
N ASP A 302 15.84 10.31 8.95
CA ASP A 302 17.24 10.29 8.52
C ASP A 302 17.30 10.95 7.13
N TRP A 303 16.72 12.15 7.03
CA TRP A 303 16.65 12.94 5.81
C TRP A 303 17.91 12.97 4.95
N GLU A 304 19.04 13.24 5.58
CA GLU A 304 20.30 13.32 4.86
C GLU A 304 20.74 12.04 4.13
N THR A 305 20.53 10.87 4.72
CA THR A 305 20.97 9.66 4.03
C THR A 305 19.99 9.30 2.92
N TRP A 306 18.77 9.81 3.05
CA TRP A 306 17.73 9.62 2.04
C TRP A 306 18.17 10.39 0.77
N SER A 307 18.39 11.70 0.91
CA SER A 307 18.80 12.57 -0.21
C SER A 307 20.04 12.01 -0.91
N LYS A 308 21.05 11.62 -0.12
CA LYS A 308 22.28 11.05 -0.65
C LYS A 308 21.98 9.86 -1.51
N MET A 309 21.12 8.97 -1.02
CA MET A 309 20.81 7.77 -1.79
C MET A 309 20.01 8.05 -3.04
N THR A 310 19.06 8.98 -2.94
CA THR A 310 18.25 9.32 -4.10
C THR A 310 19.13 9.97 -5.16
N SER A 311 20.04 10.85 -4.74
CA SER A 311 20.95 11.55 -5.65
C SER A 311 21.92 10.64 -6.34
N GLY A 312 22.41 9.65 -5.60
CA GLY A 312 23.40 8.75 -6.15
C GLY A 312 23.00 7.47 -6.84
N THR A 313 21.71 7.24 -7.04
CA THR A 313 21.29 6.00 -7.71
C THR A 313 20.34 6.35 -8.81
N THR A 314 19.98 5.35 -9.61
CA THR A 314 19.02 5.59 -10.68
C THR A 314 17.83 4.64 -10.51
N ILE A 315 17.55 4.25 -9.27
CA ILE A 315 16.44 3.36 -8.99
C ILE A 315 15.40 4.13 -8.19
N GLN A 316 14.24 3.53 -8.01
CA GLN A 316 13.16 4.16 -7.29
C GLN A 316 13.39 4.11 -5.78
N ILE A 317 13.15 5.22 -5.11
CA ILE A 317 13.31 5.32 -3.67
C ILE A 317 11.92 5.68 -3.16
N VAL A 318 11.24 4.71 -2.56
CA VAL A 318 9.87 4.89 -2.08
C VAL A 318 9.77 5.36 -0.64
N GLY A 319 8.98 6.41 -0.43
CA GLY A 319 8.77 6.94 0.91
C GLY A 319 7.47 6.40 1.49
N ASP A 320 7.56 5.62 2.55
CA ASP A 320 6.38 5.08 3.19
C ASP A 320 6.20 5.76 4.54
N ASP A 321 7.00 5.38 5.53
CA ASP A 321 6.95 6.01 6.86
C ASP A 321 7.46 7.46 6.79
N LEU A 322 8.26 7.75 5.77
CA LEU A 322 8.82 9.08 5.56
C LEU A 322 7.73 10.10 5.25
N THR A 323 6.94 9.79 4.23
CA THR A 323 5.88 10.64 3.75
C THR A 323 4.52 10.47 4.43
N VAL A 324 4.18 9.23 4.78
CA VAL A 324 2.93 8.89 5.46
C VAL A 324 1.69 9.45 4.73
N THR A 325 1.74 9.41 3.40
CA THR A 325 0.67 9.91 2.53
C THR A 325 0.23 11.33 2.89
N ASN A 326 1.06 11.99 3.69
CA ASN A 326 0.80 13.34 4.19
C ASN A 326 1.46 14.39 3.30
N PRO A 327 0.66 15.31 2.72
CA PRO A 327 1.10 16.39 1.84
C PRO A 327 2.15 17.30 2.49
N LYS A 328 2.11 17.39 3.80
CA LYS A 328 3.06 18.20 4.53
C LYS A 328 4.42 17.49 4.48
N ARG A 329 4.40 16.18 4.70
CA ARG A 329 5.61 15.37 4.67
C ARG A 329 6.13 15.26 3.25
N ILE A 330 5.21 15.11 2.31
CA ILE A 330 5.57 14.99 0.91
C ILE A 330 6.29 16.26 0.51
N THR A 331 5.72 17.41 0.84
CA THR A 331 6.32 18.69 0.52
C THR A 331 7.79 18.84 0.98
N THR A 332 8.06 18.42 2.21
CA THR A 332 9.40 18.48 2.78
C THR A 332 10.32 17.55 2.04
N ALA A 333 9.83 16.34 1.76
CA ALA A 333 10.61 15.36 1.04
C ALA A 333 10.88 15.85 -0.38
N VAL A 334 10.00 16.69 -0.92
CA VAL A 334 10.17 17.21 -2.28
C VAL A 334 11.28 18.27 -2.21
N GLU A 335 11.18 19.16 -1.24
CA GLU A 335 12.17 20.20 -1.08
C GLU A 335 13.56 19.62 -0.88
N LYS A 336 13.64 18.56 -0.09
CA LYS A 336 14.88 17.89 0.24
C LYS A 336 15.32 16.87 -0.80
N LYS A 337 14.52 16.68 -1.83
CA LYS A 337 14.83 15.69 -2.85
C LYS A 337 15.13 14.35 -2.16
N ALA A 338 14.33 14.04 -1.14
CA ALA A 338 14.51 12.85 -0.33
C ALA A 338 14.17 11.54 -0.99
N CYS A 339 13.25 11.56 -1.95
CA CYS A 339 12.89 10.33 -2.61
C CYS A 339 12.22 10.72 -3.91
N LYS A 340 11.83 9.72 -4.68
CA LYS A 340 11.22 9.95 -5.97
C LYS A 340 9.93 9.13 -6.16
N CYS A 341 9.36 8.67 -5.06
CA CYS A 341 8.14 7.87 -5.14
C CYS A 341 7.33 7.87 -3.87
N LEU A 342 6.03 8.04 -4.06
CA LEU A 342 5.09 8.06 -2.96
C LEU A 342 4.35 6.72 -2.88
N LEU A 343 4.33 6.14 -1.69
CA LEU A 343 3.55 4.92 -1.48
C LEU A 343 2.20 5.52 -1.07
N LEU A 344 1.17 5.28 -1.87
CA LEU A 344 -0.14 5.83 -1.59
C LEU A 344 -1.02 4.89 -0.75
N LYS A 345 -1.22 5.21 0.51
CA LYS A 345 -2.10 4.41 1.37
C LYS A 345 -3.27 5.30 1.73
N VAL A 346 -4.39 5.16 1.01
CA VAL A 346 -5.58 5.98 1.25
C VAL A 346 -6.04 6.15 2.71
N ASN A 347 -5.98 5.08 3.52
CA ASN A 347 -6.40 5.21 4.91
C ASN A 347 -5.43 5.95 5.81
N GLN A 348 -4.25 6.22 5.28
CA GLN A 348 -3.26 6.97 6.05
C GLN A 348 -3.69 8.44 6.09
N ILE A 349 -4.25 8.92 4.99
CA ILE A 349 -4.72 10.31 4.89
C ILE A 349 -6.23 10.45 5.24
N GLY A 350 -7.05 9.44 4.95
CA GLY A 350 -8.44 9.49 5.34
C GLY A 350 -9.56 9.80 4.37
N SER A 351 -9.28 10.19 3.15
CA SER A 351 -10.36 10.47 2.22
C SER A 351 -9.86 10.27 0.82
N VAL A 352 -10.77 10.11 -0.14
CA VAL A 352 -10.41 9.93 -1.54
C VAL A 352 -9.83 11.21 -2.16
N THR A 353 -10.41 12.35 -1.81
CA THR A 353 -9.96 13.62 -2.32
C THR A 353 -8.53 13.92 -1.91
N GLU A 354 -8.23 13.79 -0.64
CA GLU A 354 -6.88 14.03 -0.14
C GLU A 354 -5.87 13.06 -0.71
N SER A 355 -6.29 11.81 -0.87
CA SER A 355 -5.44 10.77 -1.44
C SER A 355 -5.08 11.18 -2.86
N ILE A 356 -6.07 11.63 -3.61
CA ILE A 356 -5.82 12.05 -4.98
C ILE A 356 -4.90 13.28 -4.99
N ASP A 357 -5.11 14.20 -4.08
CA ASP A 357 -4.27 15.37 -4.04
C ASP A 357 -2.86 15.01 -3.65
N ALA A 358 -2.71 13.99 -2.81
CA ALA A 358 -1.39 13.54 -2.38
C ALA A 358 -0.66 13.02 -3.60
N HIS A 359 -1.36 12.28 -4.44
CA HIS A 359 -0.76 11.76 -5.65
C HIS A 359 -0.39 12.85 -6.67
N LEU A 360 -1.28 13.82 -6.85
CA LEU A 360 -0.99 14.88 -7.82
C LEU A 360 0.18 15.74 -7.38
N LEU A 361 0.34 15.95 -6.09
CA LEU A 361 1.43 16.73 -5.55
C LEU A 361 2.73 16.04 -5.94
N ALA A 362 2.85 14.79 -5.52
CA ALA A 362 4.02 13.98 -5.82
C ALA A 362 4.28 13.96 -7.32
N LYS A 363 3.27 13.63 -8.10
CA LYS A 363 3.41 13.55 -9.54
C LYS A 363 3.84 14.88 -10.17
N LYS A 364 3.36 15.97 -9.60
CA LYS A 364 3.66 17.30 -10.10
C LYS A 364 5.14 17.63 -9.88
N ASN A 365 5.73 16.99 -8.88
CA ASN A 365 7.11 17.22 -8.55
C ASN A 365 8.04 16.12 -9.08
N GLY A 366 7.59 15.43 -10.14
CA GLY A 366 8.38 14.39 -10.75
C GLY A 366 8.40 13.02 -10.13
N TRP A 367 7.70 12.81 -9.02
CA TRP A 367 7.68 11.51 -8.34
C TRP A 367 6.81 10.45 -8.98
N GLY A 368 7.04 9.22 -8.53
CA GLY A 368 6.20 8.12 -8.98
C GLY A 368 5.22 7.90 -7.83
N THR A 369 4.21 7.07 -8.03
CA THR A 369 3.26 6.75 -6.97
C THR A 369 2.97 5.25 -7.06
N MET A 370 3.14 4.56 -5.94
CA MET A 370 2.86 3.13 -5.88
C MET A 370 1.64 3.03 -4.94
N VAL A 371 0.52 2.55 -5.45
CA VAL A 371 -0.68 2.40 -4.63
C VAL A 371 -0.43 1.19 -3.72
N SER A 372 -0.75 1.33 -2.45
CA SER A 372 -0.53 0.24 -1.51
C SER A 372 -1.74 -0.24 -0.68
N HIS A 373 -1.76 -1.54 -0.43
CA HIS A 373 -2.78 -2.18 0.38
C HIS A 373 -2.28 -1.97 1.80
N ARG A 374 -2.91 -2.59 2.78
CA ARG A 374 -2.44 -2.49 4.16
C ARG A 374 -2.24 -3.92 4.62
N SER A 375 -1.58 -4.14 5.76
CA SER A 375 -1.35 -5.52 6.22
C SER A 375 -2.71 -6.17 6.47
N GLY A 376 -3.58 -5.41 7.13
CA GLY A 376 -4.94 -5.85 7.39
C GLY A 376 -5.85 -5.32 6.29
N GLU A 377 -6.08 -6.14 5.28
CA GLU A 377 -6.94 -5.79 4.16
C GLU A 377 -8.35 -6.37 4.30
N THR A 378 -9.19 -6.15 3.30
CA THR A 378 -10.54 -6.72 3.32
C THR A 378 -10.74 -7.21 1.92
N GLU A 379 -11.93 -7.75 1.67
CA GLU A 379 -12.30 -8.26 0.37
C GLU A 379 -12.66 -7.09 -0.58
N ASP A 380 -12.66 -5.88 -0.07
CA ASP A 380 -12.95 -4.74 -0.92
C ASP A 380 -11.77 -4.62 -1.90
N CYS A 381 -12.09 -4.41 -3.18
CA CYS A 381 -11.12 -4.28 -4.27
C CYS A 381 -10.96 -2.84 -4.82
N PHE A 382 -11.33 -1.84 -4.02
CA PHE A 382 -11.28 -0.45 -4.44
C PHE A 382 -9.94 0.07 -4.97
N ILE A 383 -8.84 -0.22 -4.28
CA ILE A 383 -7.53 0.28 -4.72
C ILE A 383 -7.11 -0.23 -6.08
N ALA A 384 -7.75 -1.31 -6.55
CA ALA A 384 -7.46 -1.84 -7.87
C ALA A 384 -7.91 -0.82 -8.93
N ASP A 385 -9.08 -0.21 -8.72
CA ASP A 385 -9.61 0.80 -9.63
C ASP A 385 -8.86 2.10 -9.42
N LEU A 386 -8.40 2.33 -8.20
CA LEU A 386 -7.67 3.54 -7.86
C LEU A 386 -6.35 3.60 -8.62
N VAL A 387 -5.59 2.50 -8.60
CA VAL A 387 -4.29 2.47 -9.29
C VAL A 387 -4.40 2.58 -10.80
N VAL A 388 -5.47 2.00 -11.35
CA VAL A 388 -5.72 2.09 -12.78
C VAL A 388 -6.15 3.52 -13.10
N GLY A 389 -7.07 4.06 -12.29
CA GLY A 389 -7.57 5.41 -12.48
C GLY A 389 -6.54 6.53 -12.32
N LEU A 390 -5.65 6.36 -11.35
CA LEU A 390 -4.60 7.35 -11.10
C LEU A 390 -3.40 7.20 -12.06
N CYS A 391 -3.46 6.22 -12.97
CA CYS A 391 -2.41 6.00 -13.95
C CYS A 391 -1.01 5.90 -13.35
N THR A 392 -0.91 5.37 -12.13
CA THR A 392 0.38 5.28 -11.46
C THR A 392 1.26 4.17 -12.04
N GLY A 393 0.63 3.13 -12.60
CA GLY A 393 1.37 2.04 -13.18
C GLY A 393 2.01 1.05 -12.24
N GLN A 394 1.91 1.25 -10.93
CA GLN A 394 2.49 0.33 -9.96
C GLN A 394 1.69 0.19 -8.67
N ILE A 395 1.33 -1.05 -8.36
CA ILE A 395 0.57 -1.36 -7.17
C ILE A 395 1.25 -2.46 -6.40
N LYS A 396 1.17 -2.34 -5.08
CA LYS A 396 1.76 -3.27 -4.16
C LYS A 396 0.57 -3.77 -3.32
N THR A 397 -0.02 -4.90 -3.71
CA THR A 397 -1.15 -5.42 -2.94
C THR A 397 -1.10 -6.89 -2.46
N GLY A 398 0.12 -7.32 -2.13
CA GLY A 398 0.38 -8.65 -1.61
C GLY A 398 0.85 -9.69 -2.61
N ALA A 399 1.20 -10.86 -2.09
CA ALA A 399 1.62 -12.00 -2.90
C ALA A 399 0.37 -12.52 -3.51
N PRO A 400 0.47 -13.30 -4.58
CA PRO A 400 -0.78 -13.81 -5.16
C PRO A 400 -1.29 -15.00 -4.31
N CYS A 401 -1.55 -14.73 -3.04
CA CYS A 401 -2.02 -15.74 -2.08
C CYS A 401 -2.82 -14.95 -1.06
N ARG A 402 -3.91 -15.55 -0.57
CA ARG A 402 -4.86 -14.92 0.38
C ARG A 402 -5.80 -14.03 -0.47
N SER A 403 -7.12 -14.25 -0.34
CA SER A 403 -8.05 -13.48 -1.17
C SER A 403 -8.24 -11.99 -0.94
N GLU A 404 -7.79 -11.48 0.19
CA GLU A 404 -7.87 -10.02 0.40
C GLU A 404 -6.82 -9.35 -0.50
N ARG A 405 -5.92 -10.18 -1.05
CA ARG A 405 -4.85 -9.76 -1.94
C ARG A 405 -5.33 -10.05 -3.34
N LEU A 406 -5.75 -11.28 -3.60
CA LEU A 406 -6.23 -11.60 -4.94
C LEU A 406 -7.49 -10.84 -5.34
N ALA A 407 -8.22 -10.29 -4.37
CA ALA A 407 -9.44 -9.53 -4.68
C ALA A 407 -9.05 -8.37 -5.59
N LYS A 408 -7.93 -7.71 -5.27
CA LYS A 408 -7.40 -6.59 -6.06
C LYS A 408 -6.86 -7.05 -7.40
N TYR A 409 -6.01 -8.06 -7.39
CA TYR A 409 -5.46 -8.58 -8.65
C TYR A 409 -6.50 -9.08 -9.63
N ASN A 410 -7.52 -9.76 -9.11
CA ASN A 410 -8.59 -10.28 -9.95
C ASN A 410 -9.38 -9.16 -10.56
N GLN A 411 -9.60 -8.11 -9.77
CA GLN A 411 -10.32 -6.94 -10.25
C GLN A 411 -9.54 -6.21 -11.36
N ILE A 412 -8.22 -6.13 -11.24
CA ILE A 412 -7.42 -5.49 -12.29
C ILE A 412 -7.50 -6.32 -13.59
N LEU A 413 -7.61 -7.65 -13.46
CA LEU A 413 -7.75 -8.52 -14.64
C LEU A 413 -9.11 -8.30 -15.32
N ARG A 414 -10.15 -8.06 -14.54
CA ARG A 414 -11.49 -7.81 -15.07
C ARG A 414 -11.47 -6.46 -15.80
N ILE A 415 -10.76 -5.49 -15.22
CA ILE A 415 -10.62 -4.16 -15.82
C ILE A 415 -9.84 -4.26 -17.13
N GLU A 416 -8.77 -5.05 -17.11
CA GLU A 416 -7.92 -5.30 -18.25
C GLU A 416 -8.79 -5.81 -19.40
N GLU A 417 -9.63 -6.78 -19.07
CA GLU A 417 -10.53 -7.40 -20.02
C GLU A 417 -11.50 -6.39 -20.60
N GLU A 418 -11.86 -5.42 -19.78
CA GLU A 418 -12.79 -4.37 -20.17
C GLU A 418 -12.13 -3.32 -21.07
N LEU A 419 -10.82 -3.12 -20.91
CA LEU A 419 -10.09 -2.14 -21.72
C LEU A 419 -9.84 -2.70 -23.10
N GLY A 420 -9.92 -4.01 -23.21
CA GLY A 420 -9.75 -4.67 -24.49
C GLY A 420 -8.32 -4.83 -24.96
N SER A 421 -8.17 -4.80 -26.27
CA SER A 421 -6.87 -4.96 -26.92
C SER A 421 -6.03 -3.70 -26.71
N GLY A 422 -6.71 -2.56 -26.63
CA GLY A 422 -6.05 -1.30 -26.41
C GLY A 422 -5.76 -1.00 -24.94
N ALA A 423 -5.56 -2.04 -24.14
CA ALA A 423 -5.26 -1.85 -22.72
C ALA A 423 -3.74 -1.75 -22.65
N LYS A 424 -3.23 -0.72 -21.99
CA LYS A 424 -1.79 -0.55 -21.88
C LYS A 424 -1.29 -1.08 -20.54
N PHE A 425 -0.14 -1.74 -20.57
CA PHE A 425 0.46 -2.28 -19.36
C PHE A 425 1.72 -1.46 -19.08
N ALA A 426 1.85 -0.88 -17.89
CA ALA A 426 3.00 -0.04 -17.57
C ALA A 426 4.35 -0.65 -17.90
N GLY A 427 4.55 -1.91 -17.52
CA GLY A 427 5.80 -2.59 -17.80
C GLY A 427 7.05 -1.89 -17.30
N LYS A 428 7.99 -1.70 -18.22
CA LYS A 428 9.28 -1.07 -17.93
C LYS A 428 9.17 0.40 -17.57
N ASN A 429 8.02 0.99 -17.91
CA ASN A 429 7.75 2.40 -17.63
C ASN A 429 6.95 2.57 -16.37
N PHE A 430 6.91 1.53 -15.54
CA PHE A 430 6.16 1.61 -14.30
C PHE A 430 6.44 2.82 -13.43
N ARG A 431 7.69 3.26 -13.38
CA ARG A 431 8.03 4.39 -12.53
C ARG A 431 7.24 5.68 -12.77
N ALA A 432 6.91 5.97 -14.02
CA ALA A 432 6.12 7.15 -14.36
C ALA A 432 5.65 6.93 -15.79
N PRO A 433 4.52 6.21 -15.95
CA PRO A 433 4.02 5.95 -17.30
C PRO A 433 3.00 6.94 -17.87
N SER A 434 2.47 7.82 -17.03
CA SER A 434 1.46 8.76 -17.51
C SER A 434 1.69 10.21 -17.04
#